data_4DHP
#
_entry.id   4DHP
#
_cell.length_a   82.250
_cell.length_b   112.230
_cell.length_c   62.420
_cell.angle_alpha   90.00
_cell.angle_beta   90.00
_cell.angle_gamma   90.00
#
_symmetry.space_group_name_H-M   'C 2 2 21'
#
loop_
_entity.id
_entity.type
_entity.pdbx_description
1 polymer '14-3-3 protein sigma'
2 non-polymer 'MAGNESIUM ION'
3 non-polymer 'CHLORIDE ION'
4 non-polymer GLYCEROL
5 non-polymer '[2-(2-{[2-chloro-5-(trifluoromethyl)phenyl]amino}-2-oxoethoxy)phenyl]phosphonic acid'
6 water water
#
_entity_poly.entity_id   1
_entity_poly.type   'polypeptide(L)'
_entity_poly.pdbx_seq_one_letter_code
;AMGSMERASLIQKAKLAEQAERYEDMAAFMKGAVEKGEELS(CSO)EERNLLSVAYKNVVGGQRAAWRVLSSIEQKSNEE
GSEEKGPEVREYREKVETELQGVCDTVLGLLDSHLIKEAGDAESRVFYLKMKGDYYRYLAEVATGDDKKRIIDSARSAYQ
EAMDISKKEMPPTNPIRLGLALNFSVFHYEIANSPEEAISLAKTTFDEAMADLHTLSEDSYKDSTLIMQLLRDNLTLWT
;
_entity_poly.pdbx_strand_id   A
#
loop_
_chem_comp.id
_chem_comp.type
_chem_comp.name
_chem_comp.formula
CL non-polymer 'CHLORIDE ION' 'Cl -1'
GOL non-polymer GLYCEROL 'C3 H8 O3'
MG non-polymer 'MAGNESIUM ION' 'Mg 2'
Y07 non-polymer '[2-(2-{[2-chloro-5-(trifluoromethyl)phenyl]amino}-2-oxoethoxy)phenyl]phosphonic acid' 'C15 H12 Cl F3 N O5 P'
#
# COMPACT_ATOMS: atom_id res chain seq x y z
N ALA A 1 18.33 14.95 6.36
CA ALA A 1 19.65 14.74 5.68
C ALA A 1 19.61 15.12 4.21
N MET A 2 18.42 15.17 3.62
CA MET A 2 18.31 15.53 2.21
C MET A 2 17.94 17.00 2.01
N GLY A 3 17.91 17.73 3.13
CA GLY A 3 17.56 19.15 3.11
C GLY A 3 18.36 20.04 2.16
N SER A 4 19.61 19.67 1.94
CA SER A 4 20.47 20.51 1.10
C SER A 4 20.43 20.15 -0.37
N MET A 5 19.76 19.03 -0.71
CA MET A 5 19.73 18.62 -2.10
C MET A 5 18.48 19.15 -2.82
N GLU A 6 18.66 19.63 -4.05
CA GLU A 6 17.54 20.14 -4.89
C GLU A 6 16.47 19.08 -5.05
N ARG A 7 15.22 19.53 -5.07
CA ARG A 7 14.13 18.59 -5.31
C ARG A 7 14.33 17.80 -6.59
N ALA A 8 14.68 18.49 -7.68
CA ALA A 8 14.81 17.77 -8.95
C ALA A 8 15.93 16.71 -8.87
N SER A 9 16.98 17.01 -8.13
CA SER A 9 18.13 16.10 -7.99
C SER A 9 17.74 14.86 -7.18
N LEU A 10 16.94 15.07 -6.12
CA LEU A 10 16.40 13.96 -5.34
C LEU A 10 15.56 13.03 -6.23
N ILE A 11 14.73 13.60 -7.09
CA ILE A 11 13.88 12.76 -7.97
CA ILE A 11 13.90 12.77 -7.97
C ILE A 11 14.76 12.02 -8.96
N GLN A 12 15.73 12.71 -9.57
CA GLN A 12 16.63 12.05 -10.52
C GLN A 12 17.37 10.90 -9.82
N LYS A 13 17.83 11.16 -8.59
CA LYS A 13 18.57 10.09 -7.88
C LYS A 13 17.66 8.93 -7.43
N ALA A 14 16.39 9.21 -7.12
CA ALA A 14 15.45 8.13 -6.84
C ALA A 14 15.31 7.21 -8.04
N LYS A 15 15.26 7.79 -9.23
CA LYS A 15 15.16 6.98 -10.46
C LYS A 15 16.44 6.18 -10.70
N LEU A 16 17.60 6.78 -10.46
CA LEU A 16 18.87 6.03 -10.53
C LEU A 16 18.93 4.88 -9.52
N ALA A 17 18.53 5.16 -8.28
CA ALA A 17 18.51 4.12 -7.25
C ALA A 17 17.58 2.99 -7.62
N GLU A 18 16.41 3.31 -8.19
CA GLU A 18 15.52 2.24 -8.70
C GLU A 18 16.23 1.34 -9.75
N GLN A 19 16.96 1.96 -10.68
CA GLN A 19 17.68 1.19 -11.71
CA GLN A 19 17.66 1.19 -11.72
C GLN A 19 18.74 0.29 -11.10
N ALA A 20 19.36 0.78 -10.03
CA ALA A 20 20.43 0.07 -9.34
C ALA A 20 19.92 -0.92 -8.27
N GLU A 21 18.59 -1.00 -8.15
CA GLU A 21 17.90 -1.79 -7.13
C GLU A 21 18.31 -1.42 -5.70
N ARG A 22 18.52 -0.12 -5.49
CA ARG A 22 18.93 0.37 -4.18
C ARG A 22 17.74 1.02 -3.53
N TYR A 23 16.84 0.19 -3.02
CA TYR A 23 15.53 0.70 -2.58
C TYR A 23 15.54 1.53 -1.32
N GLU A 24 16.46 1.22 -0.39
CA GLU A 24 16.60 2.06 0.79
CA GLU A 24 16.63 2.06 0.81
C GLU A 24 17.01 3.47 0.37
N ASP A 25 18.00 3.57 -0.53
CA ASP A 25 18.42 4.91 -1.02
C ASP A 25 17.22 5.58 -1.74
N MET A 26 16.54 4.80 -2.55
CA MET A 26 15.38 5.35 -3.30
C MET A 26 14.37 5.93 -2.32
N ALA A 27 14.07 5.21 -1.23
CA ALA A 27 13.13 5.70 -0.24
C ALA A 27 13.62 6.98 0.44
N ALA A 28 14.90 7.01 0.79
CA ALA A 28 15.44 8.23 1.43
C ALA A 28 15.40 9.42 0.50
N PHE A 29 15.66 9.21 -0.81
CA PHE A 29 15.56 10.31 -1.78
C PHE A 29 14.12 10.80 -1.91
N MET A 30 13.18 9.85 -1.96
CA MET A 30 11.80 10.24 -2.07
C MET A 30 11.25 10.89 -0.80
N LYS A 31 11.67 10.43 0.38
CA LYS A 31 11.32 11.10 1.63
C LYS A 31 11.82 12.56 1.57
N GLY A 32 13.09 12.73 1.18
CA GLY A 32 13.64 14.07 0.95
C GLY A 32 12.79 14.93 0.04
N ALA A 33 12.34 14.34 -1.09
CA ALA A 33 11.48 15.08 -2.05
C ALA A 33 10.14 15.49 -1.43
N VAL A 34 9.48 14.55 -0.74
CA VAL A 34 8.22 14.89 -0.06
C VAL A 34 8.46 16.03 0.92
N GLU A 35 9.57 15.95 1.65
CA GLU A 35 9.86 16.97 2.67
C GLU A 35 10.15 18.36 2.14
N LYS A 36 10.30 18.48 0.82
CA LYS A 36 10.35 19.82 0.21
C LYS A 36 9.05 20.60 0.33
N GLY A 37 7.95 19.88 0.56
CA GLY A 37 6.67 20.52 0.87
C GLY A 37 5.74 20.73 -0.31
N GLU A 38 6.23 20.45 -1.52
CA GLU A 38 5.45 20.59 -2.76
CA GLU A 38 5.42 20.60 -2.71
C GLU A 38 4.67 19.30 -3.00
N GLU A 39 3.54 19.41 -3.69
CA GLU A 39 2.77 18.21 -4.05
C GLU A 39 3.61 17.36 -5.01
N LEU A 40 3.26 16.08 -5.10
CA LEU A 40 3.96 15.13 -5.95
C LEU A 40 3.12 14.88 -7.19
N SER A 41 3.79 14.78 -8.34
CA SER A 41 3.11 14.42 -9.59
C SER A 41 2.78 12.90 -9.59
N CSO A 42 2.07 12.44 -10.61
CA CSO A 42 1.71 11.05 -10.73
CA CSO A 42 1.70 11.05 -10.71
CB CSO A 42 0.94 10.83 -12.05
CB CSO A 42 0.81 10.87 -11.96
SG CSO A 42 0.49 9.11 -12.16
SG CSO A 42 0.61 9.15 -12.39
C CSO A 42 2.98 10.19 -10.73
O CSO A 42 3.10 9.21 -9.98
OD CSO A 42 1.72 8.28 -13.16
OD CSO A 42 -0.67 8.48 -11.33
N GLU A 43 3.98 10.57 -11.54
CA GLU A 43 5.22 9.82 -11.65
CA GLU A 43 5.22 9.82 -11.65
C GLU A 43 5.94 9.78 -10.29
N GLU A 44 5.98 10.91 -9.61
CA GLU A 44 6.67 11.00 -8.29
C GLU A 44 5.95 10.18 -7.23
N ARG A 45 4.61 10.19 -7.23
CA ARG A 45 3.87 9.32 -6.30
C ARG A 45 4.22 7.88 -6.52
N ASN A 46 4.32 7.47 -7.78
CA ASN A 46 4.72 6.10 -8.05
C ASN A 46 6.11 5.78 -7.58
N LEU A 47 7.05 6.72 -7.69
CA LEU A 47 8.41 6.45 -7.18
C LEU A 47 8.40 6.28 -5.66
N LEU A 48 7.61 7.11 -4.97
CA LEU A 48 7.50 7.03 -3.51
C LEU A 48 6.96 5.64 -3.12
N SER A 49 5.89 5.22 -3.80
CA SER A 49 5.26 3.93 -3.51
CA SER A 49 5.27 3.93 -3.48
C SER A 49 6.20 2.76 -3.77
N VAL A 50 6.84 2.75 -4.94
CA VAL A 50 7.79 1.67 -5.28
C VAL A 50 8.92 1.57 -4.24
N ALA A 51 9.47 2.73 -3.87
CA ALA A 51 10.62 2.73 -2.95
C ALA A 51 10.23 2.04 -1.65
N TYR A 52 9.18 2.54 -1.02
CA TYR A 52 8.79 2.00 0.28
C TYR A 52 8.20 0.58 0.23
N LYS A 53 7.51 0.24 -0.86
CA LYS A 53 6.97 -1.12 -1.00
CA LYS A 53 6.98 -1.12 -1.06
C LYS A 53 8.13 -2.12 -0.98
N ASN A 54 9.23 -1.78 -1.63
CA ASN A 54 10.36 -2.67 -1.67
C ASN A 54 11.11 -2.76 -0.35
N VAL A 55 11.27 -1.63 0.31
CA VAL A 55 11.93 -1.63 1.62
C VAL A 55 11.10 -2.44 2.62
N VAL A 56 9.80 -2.13 2.74
CA VAL A 56 8.97 -2.83 3.73
CA VAL A 56 8.97 -2.84 3.73
C VAL A 56 8.78 -4.29 3.30
N GLY A 57 8.79 -4.55 2.00
CA GLY A 57 8.63 -5.91 1.52
C GLY A 57 9.76 -6.83 1.97
N GLY A 58 11.00 -6.34 1.86
CA GLY A 58 12.15 -7.06 2.45
C GLY A 58 11.99 -7.33 3.96
N GLN A 59 11.51 -6.33 4.70
CA GLN A 59 11.36 -6.46 6.16
C GLN A 59 10.23 -7.46 6.48
N ARG A 60 9.14 -7.38 5.73
CA ARG A 60 8.04 -8.34 5.93
C ARG A 60 8.46 -9.79 5.69
N ALA A 61 9.23 -10.00 4.63
CA ALA A 61 9.73 -11.32 4.26
C ALA A 61 10.60 -11.85 5.38
N ALA A 62 11.50 -10.99 5.87
CA ALA A 62 12.36 -11.42 6.97
C ALA A 62 11.60 -11.69 8.25
N TRP A 63 10.65 -10.81 8.58
CA TRP A 63 9.84 -10.97 9.79
C TRP A 63 9.08 -12.28 9.71
N ARG A 64 8.56 -12.62 8.53
CA ARG A 64 7.86 -13.91 8.40
C ARG A 64 8.75 -15.12 8.62
N VAL A 65 9.94 -15.11 8.01
CA VAL A 65 10.94 -16.16 8.25
C VAL A 65 11.20 -16.31 9.76
N LEU A 66 11.51 -15.19 10.43
CA LEU A 66 11.89 -15.25 11.85
C LEU A 66 10.72 -15.67 12.75
N SER A 67 9.53 -15.15 12.45
CA SER A 67 8.34 -15.49 13.24
CA SER A 67 8.35 -15.51 13.25
C SER A 67 8.06 -17.00 13.15
N SER A 68 8.29 -17.56 11.97
CA SER A 68 8.08 -19.00 11.77
CA SER A 68 8.10 -19.00 11.73
C SER A 68 9.06 -19.81 12.59
N ILE A 69 10.33 -19.38 12.59
CA ILE A 69 11.39 -20.05 13.36
C ILE A 69 11.05 -19.95 14.85
N GLU A 70 10.59 -18.76 15.27
CA GLU A 70 10.23 -18.51 16.67
C GLU A 70 9.08 -19.42 17.10
N GLN A 71 8.06 -19.51 16.24
CA GLN A 71 6.90 -20.35 16.57
C GLN A 71 7.29 -21.83 16.70
N LYS A 72 8.17 -22.31 15.83
CA LYS A 72 8.70 -23.68 15.96
C LYS A 72 9.52 -23.89 17.24
N SER A 73 10.16 -22.82 17.71
CA SER A 73 11.00 -22.88 18.91
C SER A 73 10.18 -22.93 20.18
N ASN A 74 8.94 -22.44 20.12
CA ASN A 74 8.10 -22.30 21.30
C ASN A 74 7.13 -23.47 21.51
N GLY A 82 16.98 -20.25 23.88
CA GLY A 82 17.43 -18.93 24.35
C GLY A 82 16.59 -17.79 23.79
N PRO A 83 16.89 -16.54 24.18
CA PRO A 83 16.09 -15.39 23.78
C PRO A 83 16.41 -14.86 22.36
N GLU A 84 17.34 -15.50 21.67
CA GLU A 84 17.94 -14.88 20.48
C GLU A 84 16.95 -14.76 19.33
N VAL A 85 16.15 -15.78 19.08
CA VAL A 85 15.21 -15.69 17.95
C VAL A 85 14.19 -14.59 18.20
N ARG A 86 13.63 -14.57 19.41
CA ARG A 86 12.70 -13.51 19.76
C ARG A 86 13.36 -12.14 19.67
N GLU A 87 14.59 -12.01 20.19
CA GLU A 87 15.28 -10.72 20.12
C GLU A 87 15.42 -10.25 18.68
N TYR A 88 15.86 -11.15 17.81
CA TYR A 88 16.15 -10.75 16.43
C TYR A 88 14.84 -10.49 15.65
N ARG A 89 13.83 -11.30 15.94
CA ARG A 89 12.50 -11.02 15.34
C ARG A 89 12.00 -9.63 15.80
N GLU A 90 12.15 -9.31 17.10
CA GLU A 90 11.76 -8.00 17.60
CA GLU A 90 11.81 -7.98 17.62
C GLU A 90 12.56 -6.86 16.94
N LYS A 91 13.85 -7.08 16.67
CA LYS A 91 14.72 -6.05 16.05
C LYS A 91 14.15 -5.74 14.66
N VAL A 92 13.88 -6.81 13.90
CA VAL A 92 13.37 -6.67 12.53
C VAL A 92 11.99 -6.01 12.59
N GLU A 93 11.18 -6.44 13.54
CA GLU A 93 9.84 -5.88 13.74
C GLU A 93 9.86 -4.38 14.01
N THR A 94 10.78 -3.96 14.88
CA THR A 94 10.88 -2.57 15.26
C THR A 94 11.32 -1.73 14.05
N GLU A 95 12.20 -2.28 13.22
CA GLU A 95 12.67 -1.55 12.06
CA GLU A 95 12.69 -1.58 12.04
C GLU A 95 11.55 -1.41 11.04
N LEU A 96 10.79 -2.50 10.89
CA LEU A 96 9.60 -2.48 10.01
C LEU A 96 8.58 -1.45 10.48
N GLN A 97 8.34 -1.41 11.79
CA GLN A 97 7.39 -0.44 12.37
C GLN A 97 7.90 0.96 12.11
N GLY A 98 9.22 1.15 12.20
CA GLY A 98 9.81 2.46 11.94
C GLY A 98 9.56 2.93 10.50
N VAL A 99 9.71 2.03 9.55
CA VAL A 99 9.48 2.35 8.14
C VAL A 99 7.99 2.69 7.94
N CYS A 100 7.10 1.89 8.49
CA CYS A 100 5.65 2.17 8.33
C CYS A 100 5.30 3.50 8.96
N ASP A 101 5.84 3.79 10.14
CA ASP A 101 5.56 5.06 10.82
C ASP A 101 6.09 6.24 10.00
N THR A 102 7.23 6.06 9.35
CA THR A 102 7.80 7.14 8.51
C THR A 102 6.88 7.43 7.33
N VAL A 103 6.41 6.37 6.68
CA VAL A 103 5.53 6.55 5.52
C VAL A 103 4.23 7.22 5.95
N LEU A 104 3.68 6.72 7.05
CA LEU A 104 2.45 7.29 7.57
C LEU A 104 2.65 8.75 7.94
N GLY A 105 3.84 9.04 8.46
CA GLY A 105 4.19 10.43 8.79
C GLY A 105 4.22 11.33 7.57
N LEU A 106 4.77 10.85 6.46
CA LEU A 106 4.81 11.62 5.22
C LEU A 106 3.40 11.85 4.71
N LEU A 107 2.57 10.81 4.77
CA LEU A 107 1.17 10.98 4.29
C LEU A 107 0.44 12.01 5.16
N ASP A 108 0.74 12.02 6.45
CA ASP A 108 0.08 12.93 7.39
C ASP A 108 0.72 14.32 7.43
N SER A 109 1.88 14.49 6.80
CA SER A 109 2.63 15.75 6.85
CA SER A 109 2.64 15.74 6.85
C SER A 109 3.33 16.09 5.52
N HIS A 110 2.58 16.53 4.51
CA HIS A 110 1.16 16.88 4.54
C HIS A 110 0.54 16.42 3.22
N LEU A 111 0.92 15.23 2.77
CA LEU A 111 0.50 14.77 1.44
C LEU A 111 -1.02 14.65 1.31
N ILE A 112 -1.66 13.98 2.26
CA ILE A 112 -3.12 13.76 2.15
C ILE A 112 -3.88 15.08 2.27
N LYS A 113 -3.46 15.93 3.19
CA LYS A 113 -4.17 17.17 3.38
CA LYS A 113 -4.12 17.23 3.39
C LYS A 113 -4.15 18.07 2.12
N GLU A 114 -3.06 18.04 1.37
CA GLU A 114 -3.00 18.86 0.17
CA GLU A 114 -2.91 18.85 0.14
C GLU A 114 -3.52 18.18 -1.09
N ALA A 115 -3.90 16.91 -0.97
CA ALA A 115 -4.29 16.16 -2.15
C ALA A 115 -5.78 16.32 -2.43
N GLY A 116 -6.08 17.05 -3.49
CA GLY A 116 -7.49 17.36 -3.83
C GLY A 116 -8.05 16.62 -5.02
N ASP A 117 -7.19 16.24 -5.95
CA ASP A 117 -7.66 15.42 -7.09
C ASP A 117 -7.88 13.98 -6.70
N ALA A 118 -8.88 13.35 -7.31
CA ALA A 118 -9.15 11.94 -6.97
C ALA A 118 -7.94 11.03 -7.12
N GLU A 119 -7.15 11.18 -8.19
CA GLU A 119 -6.02 10.28 -8.43
CA GLU A 119 -5.99 10.32 -8.47
C GLU A 119 -4.95 10.40 -7.34
N SER A 120 -4.71 11.61 -6.83
CA SER A 120 -3.76 11.77 -5.73
CA SER A 120 -3.75 11.74 -5.74
C SER A 120 -4.35 11.31 -4.40
N ARG A 121 -5.58 11.75 -4.13
CA ARG A 121 -6.18 11.49 -2.82
C ARG A 121 -6.43 10.01 -2.56
N VAL A 122 -6.96 9.32 -3.58
CA VAL A 122 -7.14 7.88 -3.48
C VAL A 122 -5.79 7.17 -3.34
N PHE A 123 -4.78 7.60 -4.11
CA PHE A 123 -3.45 6.97 -4.04
C PHE A 123 -2.90 7.03 -2.61
N TYR A 124 -2.97 8.22 -2.00
CA TYR A 124 -2.37 8.39 -0.69
C TYR A 124 -3.18 7.70 0.36
N LEU A 125 -4.54 7.72 0.24
CA LEU A 125 -5.35 6.99 1.25
C LEU A 125 -5.15 5.49 1.13
N LYS A 126 -5.03 4.98 -0.09
CA LYS A 126 -4.67 3.54 -0.26
C LYS A 126 -3.33 3.23 0.43
N MET A 127 -2.33 4.09 0.22
CA MET A 127 -1.02 3.90 0.91
CA MET A 127 -1.03 3.91 0.90
C MET A 127 -1.17 3.89 2.42
N LYS A 128 -1.98 4.82 2.96
CA LYS A 128 -2.25 4.86 4.38
C LYS A 128 -2.85 3.54 4.85
N GLY A 129 -3.83 3.04 4.11
CA GLY A 129 -4.40 1.70 4.42
C GLY A 129 -3.32 0.61 4.40
N ASP A 130 -2.50 0.58 3.35
CA ASP A 130 -1.46 -0.45 3.20
C ASP A 130 -0.50 -0.42 4.37
N TYR A 131 -0.02 0.76 4.76
CA TYR A 131 1.01 0.80 5.83
C TYR A 131 0.44 0.52 7.24
N TYR A 132 -0.80 0.92 7.50
CA TYR A 132 -1.45 0.45 8.71
C TYR A 132 -1.64 -1.06 8.63
N ARG A 133 -1.95 -1.60 7.44
CA ARG A 133 -2.09 -3.04 7.31
C ARG A 133 -0.76 -3.75 7.66
N TYR A 134 0.34 -3.22 7.18
CA TYR A 134 1.67 -3.84 7.52
C TYR A 134 1.93 -3.76 9.03
N LEU A 135 1.55 -2.64 9.64
CA LEU A 135 1.62 -2.56 11.12
C LEU A 135 0.71 -3.62 11.76
N ALA A 136 -0.48 -3.80 11.19
CA ALA A 136 -1.41 -4.81 11.78
C ALA A 136 -0.87 -6.22 11.72
N GLU A 137 -0.08 -6.54 10.70
CA GLU A 137 0.45 -7.90 10.49
C GLU A 137 1.33 -8.33 11.66
N VAL A 138 2.01 -7.37 12.28
CA VAL A 138 2.93 -7.66 13.41
C VAL A 138 2.38 -7.27 14.77
N ALA A 139 1.16 -6.71 14.79
CA ALA A 139 0.56 -6.21 16.03
C ALA A 139 -0.10 -7.33 16.86
N THR A 140 -0.26 -7.17 18.16
N THR A 140 -0.02 -7.07 18.18
CA THR A 140 -1.11 -8.14 18.87
CA THR A 140 -0.37 -7.92 19.32
C THR A 140 -2.24 -7.47 19.66
C THR A 140 -0.78 -7.16 20.63
N GLY A 141 -3.24 -8.25 20.03
N GLY A 141 -0.55 -5.84 20.70
CA GLY A 141 -4.27 -7.82 20.99
CA GLY A 141 -0.77 -5.09 21.97
C GLY A 141 -5.08 -6.60 20.58
C GLY A 141 -2.15 -4.49 22.19
N ASP A 142 -5.36 -5.74 21.57
N ASP A 142 -2.28 -3.57 23.16
CA ASP A 142 -6.17 -4.54 21.38
CA ASP A 142 -3.57 -2.95 23.43
C ASP A 142 -5.39 -3.55 20.55
C ASP A 142 -4.07 -2.37 22.10
N ASP A 143 -4.09 -3.49 20.81
N ASP A 143 -3.45 -2.82 20.99
CA ASP A 143 -3.24 -2.64 20.00
CA ASP A 143 -3.50 -2.10 19.72
C ASP A 143 -3.66 -2.86 18.56
C ASP A 143 -3.65 -2.81 18.33
N LYS A 144 -3.70 -4.14 18.22
CA LYS A 144 -3.99 -4.68 16.90
C LYS A 144 -5.34 -4.10 16.41
N LYS A 145 -6.33 -3.99 17.31
CA LYS A 145 -7.69 -3.50 16.91
C LYS A 145 -7.73 -2.08 16.43
N ARG A 146 -7.04 -1.17 17.14
CA ARG A 146 -7.05 0.23 16.70
CA ARG A 146 -6.95 0.23 16.76
C ARG A 146 -6.26 0.37 15.40
N ILE A 147 -5.21 -0.43 15.20
CA ILE A 147 -4.43 -0.35 13.95
C ILE A 147 -5.26 -0.90 12.78
N ILE A 148 -5.96 -2.01 13.01
CA ILE A 148 -6.84 -2.59 12.02
C ILE A 148 -7.91 -1.55 11.65
N ASP A 149 -8.51 -0.88 12.63
CA ASP A 149 -9.53 0.09 12.26
CA ASP A 149 -9.50 0.16 12.40
C ASP A 149 -8.95 1.30 11.51
N SER A 150 -7.71 1.67 11.81
CA SER A 150 -7.07 2.73 11.06
C SER A 150 -6.89 2.34 9.59
N ALA A 151 -6.47 1.08 9.38
CA ALA A 151 -6.32 0.59 7.99
C ALA A 151 -7.68 0.62 7.29
N ARG A 152 -8.69 0.06 7.96
CA ARG A 152 -10.06 -0.01 7.40
CA ARG A 152 -10.05 -0.01 7.36
C ARG A 152 -10.56 1.39 7.00
N SER A 153 -10.42 2.33 7.91
CA SER A 153 -10.90 3.68 7.72
CA SER A 153 -10.91 3.69 7.70
C SER A 153 -10.27 4.34 6.49
N ALA A 154 -8.95 4.18 6.34
CA ALA A 154 -8.24 4.77 5.21
C ALA A 154 -8.72 4.13 3.90
N TYR A 155 -8.74 2.79 3.87
CA TYR A 155 -9.24 2.08 2.68
C TYR A 155 -10.65 2.50 2.33
N GLN A 156 -11.49 2.68 3.35
CA GLN A 156 -12.92 2.98 3.13
C GLN A 156 -13.09 4.35 2.51
N GLU A 157 -12.35 5.34 3.04
CA GLU A 157 -12.40 6.69 2.43
CA GLU A 157 -12.34 6.69 2.45
C GLU A 157 -11.91 6.65 0.99
N ALA A 158 -10.81 5.92 0.74
CA ALA A 158 -10.28 5.77 -0.60
C ALA A 158 -11.34 5.13 -1.51
N MET A 159 -12.00 4.09 -1.03
CA MET A 159 -13.01 3.40 -1.86
CA MET A 159 -13.03 3.39 -1.83
C MET A 159 -14.16 4.35 -2.20
N ASP A 160 -14.62 5.10 -1.19
CA ASP A 160 -15.78 6.01 -1.39
C ASP A 160 -15.48 7.02 -2.50
N ILE A 161 -14.28 7.63 -2.44
CA ILE A 161 -13.86 8.57 -3.49
C ILE A 161 -13.71 7.87 -4.85
N SER A 162 -13.04 6.70 -4.86
CA SER A 162 -12.78 5.98 -6.10
C SER A 162 -14.09 5.66 -6.84
N LYS A 163 -15.09 5.23 -6.08
CA LYS A 163 -16.36 4.85 -6.69
C LYS A 163 -17.11 6.08 -7.27
N LYS A 164 -16.96 7.25 -6.64
CA LYS A 164 -17.63 8.47 -7.09
CA LYS A 164 -17.62 8.46 -7.08
C LYS A 164 -16.89 9.12 -8.26
N GLU A 165 -15.56 9.02 -8.27
CA GLU A 165 -14.71 9.88 -9.11
CA GLU A 165 -14.78 9.88 -9.15
C GLU A 165 -13.96 9.17 -10.22
N MET A 166 -13.89 7.85 -10.19
CA MET A 166 -13.05 7.14 -11.15
C MET A 166 -13.84 6.07 -11.85
N PRO A 167 -13.47 5.78 -13.11
CA PRO A 167 -14.16 4.67 -13.77
C PRO A 167 -13.72 3.33 -13.18
N PRO A 168 -14.54 2.28 -13.38
CA PRO A 168 -14.23 1.04 -12.71
C PRO A 168 -12.99 0.35 -13.19
N THR A 169 -12.45 0.76 -14.35
CA THR A 169 -11.19 0.19 -14.85
C THR A 169 -9.94 0.99 -14.43
N ASN A 170 -10.13 2.11 -13.76
CA ASN A 170 -8.98 2.93 -13.37
C ASN A 170 -7.97 2.08 -12.53
N PRO A 171 -6.69 1.99 -12.95
CA PRO A 171 -5.75 1.10 -12.24
C PRO A 171 -5.57 1.40 -10.75
N ILE A 172 -5.65 2.67 -10.39
CA ILE A 172 -5.57 3.05 -8.96
C ILE A 172 -6.76 2.51 -8.20
N ARG A 173 -7.95 2.70 -8.77
CA ARG A 173 -9.17 2.10 -8.20
C ARG A 173 -9.08 0.58 -8.09
N LEU A 174 -8.59 -0.08 -9.16
CA LEU A 174 -8.44 -1.54 -9.15
C LEU A 174 -7.46 -2.02 -8.09
N GLY A 175 -6.32 -1.33 -7.99
CA GLY A 175 -5.31 -1.77 -7.00
C GLY A 175 -5.77 -1.52 -5.57
N LEU A 176 -6.54 -0.47 -5.37
CA LEU A 176 -7.10 -0.20 -4.05
C LEU A 176 -8.07 -1.33 -3.70
N ALA A 177 -8.95 -1.68 -4.63
CA ALA A 177 -9.88 -2.76 -4.30
C ALA A 177 -9.18 -4.09 -4.05
N LEU A 178 -8.16 -4.39 -4.86
CA LEU A 178 -7.36 -5.57 -4.64
C LEU A 178 -6.81 -5.58 -3.22
N ASN A 179 -6.19 -4.47 -2.83
CA ASN A 179 -5.52 -4.40 -1.50
C ASN A 179 -6.51 -4.39 -0.36
N PHE A 180 -7.68 -3.76 -0.55
CA PHE A 180 -8.69 -3.78 0.47
C PHE A 180 -9.25 -5.22 0.60
N SER A 181 -9.35 -5.96 -0.52
CA SER A 181 -9.83 -7.35 -0.42
CA SER A 181 -9.81 -7.36 -0.45
CA SER A 181 -9.81 -7.36 -0.47
C SER A 181 -8.82 -8.20 0.34
N VAL A 182 -7.53 -7.96 0.12
CA VAL A 182 -6.47 -8.66 0.87
C VAL A 182 -6.53 -8.31 2.36
N PHE A 183 -6.79 -7.04 2.66
CA PHE A 183 -7.01 -6.64 4.03
C PHE A 183 -8.19 -7.46 4.63
N HIS A 184 -9.32 -7.55 3.91
CA HIS A 184 -10.43 -8.32 4.47
C HIS A 184 -10.04 -9.78 4.73
N TYR A 185 -9.28 -10.38 3.81
CA TYR A 185 -9.01 -11.82 3.86
C TYR A 185 -7.97 -12.14 4.93
N GLU A 186 -6.93 -11.32 4.93
CA GLU A 186 -5.74 -11.62 5.74
C GLU A 186 -5.74 -10.97 7.11
N ILE A 187 -6.41 -9.84 7.26
CA ILE A 187 -6.31 -9.08 8.48
C ILE A 187 -7.60 -9.11 9.27
N ALA A 188 -8.72 -8.83 8.58
CA ALA A 188 -10.00 -8.60 9.24
C ALA A 188 -10.79 -9.89 9.43
N ASN A 189 -10.22 -11.02 9.02
CA ASN A 189 -10.93 -12.32 9.15
CA ASN A 189 -10.91 -12.33 9.10
C ASN A 189 -12.31 -12.26 8.49
N SER A 190 -12.39 -11.61 7.33
CA SER A 190 -13.65 -11.48 6.59
C SER A 190 -13.50 -12.00 5.16
N PRO A 191 -13.25 -13.32 5.00
CA PRO A 191 -13.01 -13.85 3.66
C PRO A 191 -14.21 -13.65 2.75
N GLU A 192 -15.42 -13.68 3.28
CA GLU A 192 -16.58 -13.44 2.40
C GLU A 192 -16.60 -12.03 1.82
N GLU A 193 -16.29 -11.04 2.66
CA GLU A 193 -16.18 -9.67 2.20
C GLU A 193 -15.07 -9.54 1.17
N ALA A 194 -13.97 -10.24 1.42
CA ALA A 194 -12.83 -10.25 0.46
C ALA A 194 -13.21 -10.76 -0.91
N ILE A 195 -13.88 -11.92 -0.92
CA ILE A 195 -14.30 -12.54 -2.18
C ILE A 195 -15.34 -11.65 -2.86
N SER A 196 -16.29 -11.10 -2.11
CA SER A 196 -17.34 -10.27 -2.69
CA SER A 196 -17.34 -10.27 -2.69
C SER A 196 -16.75 -9.03 -3.34
N LEU A 197 -15.83 -8.38 -2.63
CA LEU A 197 -15.19 -7.21 -3.18
C LEU A 197 -14.38 -7.53 -4.44
N ALA A 198 -13.60 -8.62 -4.42
CA ALA A 198 -12.75 -8.89 -5.57
C ALA A 198 -13.62 -9.22 -6.81
N LYS A 199 -14.70 -9.95 -6.56
CA LYS A 199 -15.59 -10.37 -7.65
CA LYS A 199 -15.65 -10.39 -7.61
C LYS A 199 -16.38 -9.20 -8.23
N THR A 200 -16.96 -8.35 -7.39
CA THR A 200 -17.67 -7.17 -7.89
CA THR A 200 -17.66 -7.17 -7.95
C THR A 200 -16.71 -6.21 -8.65
N THR A 201 -15.53 -6.02 -8.09
CA THR A 201 -14.54 -5.19 -8.76
C THR A 201 -14.16 -5.75 -10.11
N PHE A 202 -13.92 -7.06 -10.14
CA PHE A 202 -13.54 -7.70 -11.39
C PHE A 202 -14.67 -7.54 -12.45
N ASP A 203 -15.89 -7.86 -12.05
CA ASP A 203 -17.03 -7.85 -12.97
C ASP A 203 -17.32 -6.42 -13.48
N GLU A 204 -17.21 -5.44 -12.61
CA GLU A 204 -17.44 -4.05 -13.03
C GLU A 204 -16.35 -3.51 -13.94
N ALA A 205 -15.11 -3.96 -13.72
CA ALA A 205 -14.01 -3.58 -14.62
C ALA A 205 -14.22 -4.26 -15.99
N MET A 206 -14.55 -5.55 -15.99
CA MET A 206 -14.81 -6.25 -17.25
CA MET A 206 -14.83 -6.26 -17.24
C MET A 206 -15.79 -5.48 -18.14
N ALA A 207 -16.89 -5.05 -17.55
CA ALA A 207 -17.95 -4.34 -18.29
C ALA A 207 -17.53 -2.98 -18.85
N ASP A 208 -16.43 -2.40 -18.32
CA ASP A 208 -15.94 -1.07 -18.74
C ASP A 208 -14.72 -1.17 -19.70
N LEU A 209 -14.23 -2.40 -19.94
CA LEU A 209 -13.04 -2.53 -20.75
C LEU A 209 -13.25 -2.01 -22.17
N HIS A 210 -14.48 -2.10 -22.66
CA HIS A 210 -14.77 -1.73 -24.07
C HIS A 210 -14.47 -0.24 -24.35
N THR A 211 -14.38 0.56 -23.28
CA THR A 211 -14.12 1.98 -23.42
C THR A 211 -12.63 2.33 -23.53
N LEU A 212 -11.74 1.35 -23.36
CA LEU A 212 -10.31 1.63 -23.26
C LEU A 212 -9.51 1.46 -24.55
N SER A 213 -8.48 2.28 -24.70
CA SER A 213 -7.43 2.04 -25.69
C SER A 213 -6.62 0.76 -25.39
N GLU A 214 -5.84 0.32 -26.37
CA GLU A 214 -4.99 -0.84 -26.23
C GLU A 214 -4.11 -0.77 -24.96
N ASP A 215 -3.48 0.38 -24.76
CA ASP A 215 -2.55 0.49 -23.63
C ASP A 215 -3.26 0.54 -22.26
N SER A 216 -4.38 1.25 -22.19
CA SER A 216 -5.18 1.26 -20.96
C SER A 216 -5.76 -0.11 -20.68
N TYR A 217 -6.22 -0.79 -21.74
CA TYR A 217 -6.73 -2.16 -21.60
CA TYR A 217 -6.72 -2.16 -21.62
C TYR A 217 -5.68 -3.06 -20.98
N LYS A 218 -4.44 -2.92 -21.43
CA LYS A 218 -3.35 -3.71 -20.88
CA LYS A 218 -3.36 -3.72 -20.88
C LYS A 218 -3.14 -3.42 -19.39
N ASP A 219 -3.15 -2.14 -19.02
CA ASP A 219 -2.91 -1.76 -17.61
C ASP A 219 -4.02 -2.33 -16.72
N SER A 220 -5.27 -2.19 -17.17
CA SER A 220 -6.43 -2.63 -16.37
C SER A 220 -6.51 -4.14 -16.25
N THR A 221 -6.29 -4.83 -17.36
CA THR A 221 -6.44 -6.27 -17.35
C THR A 221 -5.33 -6.93 -16.50
N LEU A 222 -4.16 -6.30 -16.44
CA LEU A 222 -3.08 -6.82 -15.60
CA LEU A 222 -3.08 -6.81 -15.60
C LEU A 222 -3.55 -6.89 -14.14
N ILE A 223 -4.21 -5.84 -13.68
CA ILE A 223 -4.66 -5.81 -12.26
C ILE A 223 -5.88 -6.69 -12.08
N MET A 224 -6.76 -6.76 -13.09
CA MET A 224 -7.88 -7.69 -13.02
C MET A 224 -7.37 -9.13 -12.84
N GLN A 225 -6.24 -9.46 -13.47
CA GLN A 225 -5.68 -10.82 -13.36
C GLN A 225 -5.25 -11.11 -11.93
N LEU A 226 -4.71 -10.11 -11.24
CA LEU A 226 -4.42 -10.24 -9.81
C LEU A 226 -5.67 -10.49 -8.96
N LEU A 227 -6.77 -9.78 -9.25
CA LEU A 227 -8.04 -10.06 -8.57
C LEU A 227 -8.47 -11.50 -8.83
N ARG A 228 -8.36 -11.92 -10.10
CA ARG A 228 -8.68 -13.29 -10.50
CA ARG A 228 -8.70 -13.29 -10.49
C ARG A 228 -7.83 -14.33 -9.77
N ASP A 229 -6.52 -14.09 -9.70
CA ASP A 229 -5.56 -14.96 -8.98
C ASP A 229 -5.99 -15.15 -7.54
N ASN A 230 -6.34 -14.04 -6.87
CA ASN A 230 -6.84 -14.14 -5.49
C ASN A 230 -8.11 -14.96 -5.37
N LEU A 231 -9.08 -14.69 -6.24
CA LEU A 231 -10.36 -15.40 -6.24
C LEU A 231 -10.13 -16.88 -6.41
N THR A 232 -9.15 -17.23 -7.23
CA THR A 232 -8.79 -18.63 -7.43
C THR A 232 -8.14 -19.22 -6.17
N LEU A 233 -7.32 -18.42 -5.48
CA LEU A 233 -6.70 -18.83 -4.21
CA LEU A 233 -6.71 -18.84 -4.22
C LEU A 233 -7.75 -19.02 -3.12
N TRP A 234 -8.77 -18.16 -3.12
CA TRP A 234 -9.76 -18.10 -2.01
C TRP A 234 -11.02 -18.93 -2.16
N THR A 235 -11.26 -19.46 -3.36
CA THR A 235 -12.46 -20.24 -3.63
C THR A 235 -12.05 -21.62 -4.17
MG MG B . 15.32 24.44 -4.92
MG MG C . -19.94 -18.32 1.99
MG MG D . 7.48 -5.53 19.21
MG MG E . 19.81 -19.81 22.24
MG MG F . -12.97 11.09 -12.98
CL CL G . -7.14 19.95 -0.78
CL CL H . 24.18 11.23 -3.85
C1 GOL I . -7.77 -10.28 -18.74
O1 GOL I . -7.64 -9.99 -17.35
C2 GOL I . -9.23 -10.45 -19.17
O2 GOL I . -10.11 -9.88 -18.23
C3 GOL I . -9.50 -9.78 -20.50
O3 GOL I . -10.88 -9.89 -20.76
OAI Y07 J . 0.41 -7.47 1.09
PAG Y07 J . 0.77 -6.73 -0.25
OAJ Y07 J . 0.38 -5.18 -0.14
OAH Y07 J . 2.22 -6.82 -0.61
CAC Y07 J . -0.32 -7.44 -1.54
CAD Y07 J . -1.33 -6.64 -2.08
CAE Y07 J . -2.16 -7.21 -3.07
CAF Y07 J . -1.95 -8.54 -3.50
CAA Y07 J . -0.94 -9.33 -2.92
CAB Y07 J . -0.12 -8.75 -1.93
OAK Y07 J . 0.89 -9.45 -1.31
OAK Y07 J . 0.89 -9.45 -1.32
CAL Y07 J . 1.77 -10.32 -2.09
CAL Y07 J . 1.38 -10.68 -1.91
CAM Y07 J . 3.26 -10.20 -1.66
CAM Y07 J . 2.77 -10.82 -1.29
OAO Y07 J . 4.01 -11.11 -2.00
OAO Y07 J . 3.32 -11.91 -1.36
NAN Y07 J . 3.69 -9.14 -0.97
NAN Y07 J . 3.33 -9.74 -0.72
CAP Y07 J . 4.99 -8.96 -0.68
CAP Y07 J . 4.56 -9.79 -0.20
CAU Y07 J . 5.77 -8.24 -1.58
CAU Y07 J . 4.83 -10.74 0.78
CAQ Y07 J . 7.12 -8.00 -1.36
CAQ Y07 J . 6.10 -10.81 1.36
CAW Y07 J . 7.92 -7.21 -2.41
CAW Y07 J . 6.38 -11.87 2.40
FAY Y07 J . 9.22 -7.17 -2.12
FAY Y07 J . 7.50 -12.53 2.13
FAZ Y07 J . 7.46 -5.96 -2.42
FAZ Y07 J . 5.40 -12.75 2.36
FAX Y07 J . 7.74 -7.74 -3.61
FAX Y07 J . 6.44 -11.30 3.59
CAR Y07 J . 7.72 -8.49 -0.22
CAR Y07 J . 7.10 -9.93 0.96
CAS Y07 J . 6.95 -9.20 0.71
CAS Y07 J . 6.83 -8.98 -0.01
CAT Y07 J . 5.61 -9.43 0.49
CAT Y07 J . 5.57 -8.90 -0.59
CL1 Y07 J . 4.71 -10.32 1.66
CL1 Y07 J . 5.34 -7.68 -1.81
#